data_3LRG
#
_entry.id   3LRG
#
_cell.length_a   107.680
_cell.length_b   107.680
_cell.length_c   50.620
_cell.angle_alpha   90.00
_cell.angle_beta   90.00
_cell.angle_gamma   90.00
#
_symmetry.space_group_name_H-M   'P 41 21 2'
#
loop_
_entity.id
_entity.type
_entity.pdbx_description
1 polymer 'anti-huntingtin VL domain'
2 non-polymer 2-AMINO-2-HYDROXYMETHYL-PROPANE-1,3-DIOL
3 non-polymer IMIDAZOLE
4 water water
#
_entity_poly.entity_id   1
_entity_poly.type   'polypeptide(L)'
_entity_poly.pdbx_seq_one_letter_code
;MGSQPVLTQSPSVSAAPRQRVTISVSGSNSNIGSNTVNWIQQLPGRAPELLMYDDDLLAPGVSDRFSGSRSGTSASLTIS
GLQSEDEADYYAATWDDSLNGWVFGGGTKVTVLSAHHHHHH
;
_entity_poly.pdbx_strand_id   A,B
#
loop_
_chem_comp.id
_chem_comp.type
_chem_comp.name
_chem_comp.formula
IMD non-polymer IMIDAZOLE 'C3 H5 N2 1'
TRS non-polymer 2-AMINO-2-HYDROXYMETHYL-PROPANE-1,3-DIOL 'C4 H12 N O3 1'
#
# COMPACT_ATOMS: atom_id res chain seq x y z
N SER A 3 -16.18 17.44 3.38
CA SER A 3 -16.52 16.70 2.11
C SER A 3 -15.29 16.00 1.49
N GLN A 4 -14.71 15.08 2.25
CA GLN A 4 -13.41 14.50 1.93
C GLN A 4 -13.41 13.51 0.74
N PRO A 5 -12.24 13.32 0.09
CA PRO A 5 -12.05 12.21 -0.87
C PRO A 5 -12.48 10.87 -0.26
N VAL A 6 -13.12 10.06 -1.08
CA VAL A 6 -13.69 8.77 -0.67
C VAL A 6 -12.68 7.65 -0.45
N LEU A 7 -11.59 7.66 -1.24
CA LEU A 7 -10.56 6.61 -1.10
C LEU A 7 -9.51 7.05 -0.07
N THR A 8 -8.87 6.11 0.61
CA THR A 8 -7.92 6.45 1.68
C THR A 8 -6.53 6.05 1.26
N GLN A 9 -5.67 7.03 1.00
CA GLN A 9 -4.29 6.73 0.57
C GLN A 9 -3.38 6.80 1.78
N SER A 10 -2.22 6.14 1.71
CA SER A 10 -1.23 6.23 2.78
C SER A 10 -0.60 7.64 2.77
N PRO A 11 0.01 8.06 3.90
CA PRO A 11 0.42 9.47 3.96
C PRO A 11 1.60 9.86 3.08
N SER A 12 1.75 11.17 2.92
CA SER A 12 2.91 11.76 2.25
C SER A 12 4.20 11.24 2.90
N VAL A 13 5.25 11.08 2.09
CA VAL A 13 6.46 10.40 2.51
C VAL A 13 7.68 11.08 1.88
N SER A 14 8.81 11.07 2.60
CA SER A 14 10.11 11.46 2.06
C SER A 14 10.96 10.22 1.90
N ALA A 15 11.80 10.19 0.87
CA ALA A 15 12.66 9.03 0.64
C ALA A 15 13.87 9.43 -0.19
N ALA A 16 14.92 8.59 -0.16
CA ALA A 16 16.21 8.93 -0.75
C ALA A 16 16.23 8.52 -2.21
N PRO A 17 17.02 9.22 -3.05
CA PRO A 17 17.18 8.76 -4.43
C PRO A 17 17.57 7.27 -4.43
N ARG A 18 17.09 6.55 -5.44
CA ARG A 18 17.35 5.12 -5.68
C ARG A 18 16.60 4.17 -4.77
N GLN A 19 15.83 4.70 -3.82
CA GLN A 19 15.10 3.81 -2.93
C GLN A 19 13.75 3.45 -3.59
N ARG A 20 13.04 2.53 -2.98
CA ARG A 20 11.72 2.16 -3.45
C ARG A 20 10.70 2.76 -2.51
N VAL A 21 9.54 3.16 -3.05
CA VAL A 21 8.44 3.60 -2.22
C VAL A 21 7.17 2.92 -2.70
N THR A 22 6.32 2.56 -1.75
CA THR A 22 5.03 1.95 -2.01
C THR A 22 3.91 2.82 -1.42
N ILE A 23 2.98 3.21 -2.29
CA ILE A 23 1.80 4.00 -1.89
C ILE A 23 0.59 3.10 -1.94
N SER A 24 -0.16 3.07 -0.84
CA SER A 24 -1.34 2.21 -0.71
C SER A 24 -2.60 3.04 -0.87
N VAL A 25 -3.68 2.45 -1.38
CA VAL A 25 -4.99 3.11 -1.30
C VAL A 25 -6.02 2.04 -0.96
N SER A 26 -6.96 2.35 -0.06
CA SER A 26 -8.09 1.44 0.19
C SER A 26 -9.41 2.11 -0.15
N GLY A 27 -10.39 1.30 -0.52
CA GLY A 27 -11.72 1.77 -0.86
C GLY A 27 -12.73 0.78 -0.33
N SER A 28 -13.75 0.48 -1.13
CA SER A 28 -14.80 -0.42 -0.66
C SER A 28 -15.32 -1.25 -1.84
N ASN A 29 -16.25 -2.16 -1.58
CA ASN A 29 -16.76 -3.03 -2.65
C ASN A 29 -17.33 -2.24 -3.82
N SER A 30 -17.98 -1.09 -3.55
CA SER A 30 -18.65 -0.29 -4.59
C SER A 30 -17.70 0.42 -5.55
N ASN A 31 -16.42 0.56 -5.14
CA ASN A 31 -15.44 1.25 -5.98
C ASN A 31 -14.28 0.31 -6.34
N ILE A 32 -13.18 0.33 -5.60
CA ILE A 32 -12.01 -0.49 -5.94
C ILE A 32 -12.36 -1.99 -6.00
N GLY A 33 -13.30 -2.42 -5.14
CA GLY A 33 -13.76 -3.83 -5.15
C GLY A 33 -14.21 -4.34 -6.52
N SER A 34 -14.80 -3.48 -7.35
CA SER A 34 -15.31 -3.97 -8.62
C SER A 34 -14.94 -3.09 -9.81
N ASN A 35 -13.95 -2.20 -9.64
CA ASN A 35 -13.59 -1.25 -10.71
C ASN A 35 -12.09 -1.02 -10.74
N THR A 36 -11.52 -0.85 -11.93
CA THR A 36 -10.07 -0.64 -12.02
C THR A 36 -9.66 0.76 -11.52
N VAL A 37 -8.38 0.87 -11.16
CA VAL A 37 -7.80 2.08 -10.55
C VAL A 37 -6.86 2.76 -11.56
N ASN A 38 -6.97 4.08 -11.66
CA ASN A 38 -5.97 4.88 -12.35
C ASN A 38 -5.12 5.59 -11.31
N TRP A 39 -3.84 5.82 -11.65
CA TRP A 39 -2.98 6.67 -10.84
C TRP A 39 -2.65 7.94 -11.63
N ILE A 40 -2.83 9.09 -10.97
CA ILE A 40 -2.57 10.40 -11.56
C ILE A 40 -1.37 11.05 -10.84
N GLN A 41 -0.43 11.61 -11.60
CA GLN A 41 0.77 12.26 -11.04
C GLN A 41 0.66 13.76 -11.33
N GLN A 42 0.88 14.57 -10.31
CA GLN A 42 0.92 16.02 -10.52
C GLN A 42 2.29 16.50 -10.11
N LEU A 43 3.12 16.80 -11.11
CA LEU A 43 4.47 17.32 -10.87
C LEU A 43 4.39 18.75 -10.32
N PRO A 44 5.42 19.21 -9.54
CA PRO A 44 5.35 20.59 -8.99
C PRO A 44 5.17 21.61 -10.10
N GLY A 45 4.24 22.54 -9.91
CA GLY A 45 4.00 23.59 -10.90
C GLY A 45 3.31 23.17 -12.20
N ARG A 46 2.90 21.89 -12.29
CA ARG A 46 2.26 21.35 -13.50
C ARG A 46 0.82 20.88 -13.23
N ALA A 47 0.09 20.62 -14.32
CA ALA A 47 -1.25 20.05 -14.22
C ALA A 47 -1.17 18.53 -13.96
N PRO A 48 -2.24 17.95 -13.37
CA PRO A 48 -2.25 16.49 -13.18
C PRO A 48 -2.18 15.78 -14.54
N GLU A 49 -1.48 14.65 -14.60
CA GLU A 49 -1.42 13.83 -15.81
C GLU A 49 -1.62 12.36 -15.45
N LEU A 50 -2.15 11.59 -16.39
CA LEU A 50 -2.34 10.16 -16.15
C LEU A 50 -0.99 9.45 -16.12
N LEU A 51 -0.77 8.65 -15.09
CA LEU A 51 0.50 7.94 -14.93
C LEU A 51 0.29 6.45 -15.19
N MET A 52 -0.69 5.85 -14.51
CA MET A 52 -1.01 4.43 -14.72
C MET A 52 -2.51 4.29 -14.88
N TYR A 53 -2.95 3.32 -15.68
CA TYR A 53 -4.39 3.14 -15.78
C TYR A 53 -4.78 1.68 -15.84
N ASP A 54 -6.07 1.44 -15.60
CA ASP A 54 -6.59 0.07 -15.50
C ASP A 54 -5.70 -0.82 -14.63
N ASP A 55 -5.39 -0.32 -13.43
CA ASP A 55 -4.63 -1.05 -12.39
C ASP A 55 -3.10 -1.07 -12.59
N ASP A 56 -2.66 -1.57 -13.73
CA ASP A 56 -1.25 -1.95 -13.90
C ASP A 56 -0.62 -1.58 -15.27
N LEU A 57 -1.25 -0.67 -16.01
CA LEU A 57 -0.72 -0.32 -17.35
C LEU A 57 -0.09 1.06 -17.35
N LEU A 58 1.06 1.17 -18.02
CA LEU A 58 1.81 2.43 -18.07
C LEU A 58 1.25 3.36 -19.16
N ALA A 59 0.91 4.61 -18.82
CA ALA A 59 0.52 5.58 -19.85
C ALA A 59 1.73 5.85 -20.79
N PRO A 60 1.47 6.36 -22.02
CA PRO A 60 2.59 6.66 -22.92
C PRO A 60 3.60 7.61 -22.26
N GLY A 61 4.88 7.31 -22.45
CA GLY A 61 5.96 8.17 -21.93
C GLY A 61 6.30 7.96 -20.46
N VAL A 62 5.54 7.13 -19.76
CA VAL A 62 5.76 6.92 -18.32
C VAL A 62 6.88 5.89 -18.06
N SER A 63 7.80 6.22 -17.16
CA SER A 63 8.93 5.34 -16.84
C SER A 63 8.48 3.97 -16.35
N ASP A 64 9.23 2.94 -16.73
CA ASP A 64 8.98 1.60 -16.23
C ASP A 64 9.37 1.40 -14.75
N ARG A 65 9.88 2.45 -14.09
CA ARG A 65 10.10 2.38 -12.63
C ARG A 65 8.81 2.40 -11.81
N PHE A 66 7.67 2.68 -12.48
CA PHE A 66 6.34 2.67 -11.83
C PHE A 66 5.67 1.35 -12.10
N SER A 67 5.04 0.78 -11.07
CA SER A 67 4.17 -0.39 -11.28
C SER A 67 2.95 -0.32 -10.36
N GLY A 68 1.84 -0.90 -10.83
CA GLY A 68 0.57 -0.78 -10.09
C GLY A 68 -0.05 -2.13 -9.85
N SER A 69 -0.87 -2.22 -8.80
CA SER A 69 -1.52 -3.48 -8.46
C SER A 69 -2.89 -3.19 -7.85
N ARG A 70 -3.81 -4.16 -7.93
CA ARG A 70 -5.13 -4.06 -7.30
C ARG A 70 -5.54 -5.46 -6.85
N SER A 71 -6.04 -5.59 -5.63
CA SER A 71 -6.74 -6.80 -5.22
C SER A 71 -7.71 -6.53 -4.10
N GLY A 72 -8.87 -7.19 -4.16
CA GLY A 72 -9.95 -6.95 -3.19
C GLY A 72 -10.28 -5.47 -3.24
N THR A 73 -10.36 -4.83 -2.07
CA THR A 73 -10.76 -3.41 -2.04
C THR A 73 -9.59 -2.43 -1.90
N SER A 74 -8.37 -2.87 -2.24
CA SER A 74 -7.23 -1.95 -2.21
C SER A 74 -6.32 -2.02 -3.46
N ALA A 75 -5.44 -1.04 -3.58
CA ALA A 75 -4.53 -0.98 -4.72
C ALA A 75 -3.24 -0.34 -4.27
N SER A 76 -2.19 -0.45 -5.09
CA SER A 76 -0.95 0.20 -4.73
C SER A 76 -0.17 0.65 -5.96
N LEU A 77 0.65 1.69 -5.78
CA LEU A 77 1.58 2.15 -6.80
C LEU A 77 2.98 2.03 -6.20
N THR A 78 3.88 1.39 -6.93
CA THR A 78 5.25 1.22 -6.46
C THR A 78 6.20 2.00 -7.37
N ILE A 79 7.05 2.81 -6.76
CA ILE A 79 8.08 3.55 -7.49
C ILE A 79 9.43 2.94 -7.13
N SER A 80 10.09 2.33 -8.12
CA SER A 80 11.45 1.76 -7.90
C SER A 80 12.55 2.72 -8.37
N GLY A 81 13.74 2.59 -7.79
CA GLY A 81 14.88 3.43 -8.15
C GLY A 81 14.55 4.92 -8.17
N LEU A 82 13.95 5.41 -7.09
CA LEU A 82 13.43 6.76 -7.03
C LEU A 82 14.39 7.84 -7.58
N GLN A 83 13.88 8.76 -8.39
CA GLN A 83 14.66 9.86 -8.96
C GLN A 83 14.03 11.17 -8.53
N SER A 84 14.82 12.25 -8.50
CA SER A 84 14.33 13.56 -8.03
C SER A 84 13.14 14.06 -8.88
N GLU A 85 13.08 13.66 -10.16
CA GLU A 85 11.95 14.00 -11.06
C GLU A 85 10.62 13.32 -10.69
N ASP A 86 10.67 12.36 -9.74
CA ASP A 86 9.49 11.63 -9.29
C ASP A 86 8.81 12.40 -8.15
N GLU A 87 9.45 13.47 -7.66
CA GLU A 87 8.88 14.24 -6.57
C GLU A 87 7.58 14.85 -7.10
N ALA A 88 6.44 14.48 -6.48
CA ALA A 88 5.12 14.89 -7.02
C ALA A 88 3.98 14.51 -6.07
N ASP A 89 2.77 14.98 -6.35
CA ASP A 89 1.55 14.48 -5.70
C ASP A 89 0.97 13.35 -6.54
N TYR A 90 0.66 12.23 -5.89
CA TYR A 90 0.08 11.04 -6.55
C TYR A 90 -1.34 10.82 -6.05
N TYR A 91 -2.26 10.56 -6.99
CA TYR A 91 -3.69 10.39 -6.67
C TYR A 91 -4.22 9.11 -7.30
N ALA A 92 -4.95 8.33 -6.51
CA ALA A 92 -5.75 7.21 -7.00
C ALA A 92 -7.14 7.70 -7.45
N ALA A 93 -7.72 7.03 -8.47
CA ALA A 93 -9.04 7.38 -9.00
C ALA A 93 -9.73 6.11 -9.44
N THR A 94 -11.03 6.02 -9.18
CA THR A 94 -11.79 4.84 -9.67
C THR A 94 -13.28 5.25 -9.79
N TRP A 95 -14.07 4.40 -10.40
CA TRP A 95 -15.52 4.56 -10.49
C TRP A 95 -16.17 4.00 -9.24
N ASP A 96 -17.24 4.65 -8.77
CA ASP A 96 -18.04 4.09 -7.67
C ASP A 96 -19.48 3.85 -8.15
N ASP A 97 -19.90 2.59 -8.14
CA ASP A 97 -21.22 2.22 -8.62
C ASP A 97 -22.36 2.72 -7.72
N SER A 98 -22.10 2.98 -6.45
CA SER A 98 -23.19 3.44 -5.60
C SER A 98 -23.42 4.94 -5.77
N LEU A 99 -22.35 5.68 -6.08
CA LEU A 99 -22.49 7.11 -6.34
C LEU A 99 -22.72 7.42 -7.81
N ASN A 100 -22.52 6.41 -8.67
CA ASN A 100 -22.58 6.59 -10.12
C ASN A 100 -21.65 7.74 -10.57
N GLY A 101 -20.41 7.72 -10.10
CA GLY A 101 -19.46 8.76 -10.49
C GLY A 101 -18.05 8.35 -10.08
N TRP A 102 -17.06 9.09 -10.59
CA TRP A 102 -15.66 8.84 -10.27
C TRP A 102 -15.36 9.34 -8.86
N VAL A 103 -14.56 8.57 -8.13
CA VAL A 103 -14.11 8.97 -6.81
C VAL A 103 -12.58 8.94 -6.77
N PHE A 104 -12.00 9.53 -5.73
CA PHE A 104 -10.56 9.82 -5.67
C PHE A 104 -10.01 9.66 -4.25
N GLY A 105 -8.69 9.45 -4.15
CA GLY A 105 -8.01 9.55 -2.88
C GLY A 105 -7.61 10.99 -2.63
N GLY A 106 -7.06 11.24 -1.44
CA GLY A 106 -6.70 12.59 -1.02
C GLY A 106 -5.33 13.06 -1.51
N GLY A 107 -4.58 12.19 -2.17
CA GLY A 107 -3.23 12.52 -2.68
C GLY A 107 -2.11 12.19 -1.70
N THR A 108 -0.98 11.70 -2.23
CA THR A 108 0.20 11.36 -1.43
C THR A 108 1.36 12.15 -2.06
N LYS A 109 1.99 13.04 -1.29
CA LYS A 109 3.18 13.70 -1.82
C LYS A 109 4.42 12.86 -1.56
N VAL A 110 5.17 12.58 -2.62
CA VAL A 110 6.45 11.91 -2.46
C VAL A 110 7.52 13.00 -2.56
N THR A 111 8.26 13.18 -1.47
CA THR A 111 9.40 14.11 -1.44
C THR A 111 10.71 13.32 -1.62
N VAL A 112 11.55 13.75 -2.55
CA VAL A 112 12.83 13.08 -2.76
C VAL A 112 13.96 13.84 -2.05
N LEU A 113 14.67 13.15 -1.16
CA LEU A 113 15.69 13.81 -0.33
C LEU A 113 16.86 14.31 -1.17
N SER A 114 17.42 15.44 -0.74
CA SER A 114 18.59 16.03 -1.37
C SER A 114 19.63 16.38 -0.29
N ALA A 115 20.92 16.27 -0.61
CA ALA A 115 21.96 16.55 0.40
C ALA A 115 22.22 18.06 0.58
N HIS A 116 21.69 18.85 -0.36
CA HIS A 116 21.85 20.33 -0.41
C HIS A 116 23.31 20.73 -0.61
N VAL B 6 15.23 -6.52 1.36
CA VAL B 6 14.08 -5.96 2.10
C VAL B 6 12.85 -5.77 1.21
N LEU B 7 11.69 -5.97 1.83
CA LEU B 7 10.39 -5.65 1.25
C LEU B 7 10.10 -4.20 1.61
N THR B 8 9.35 -3.51 0.76
CA THR B 8 9.02 -2.09 0.98
C THR B 8 7.54 -1.93 1.30
N GLN B 9 7.24 -1.54 2.54
CA GLN B 9 5.85 -1.34 3.01
C GLN B 9 5.42 0.10 2.82
N SER B 10 4.11 0.32 2.67
CA SER B 10 3.57 1.67 2.78
C SER B 10 3.85 2.26 4.19
N PRO B 11 3.84 3.59 4.32
CA PRO B 11 4.28 4.15 5.61
C PRO B 11 3.23 4.14 6.74
N SER B 12 3.73 4.40 7.94
CA SER B 12 2.90 4.42 9.16
C SER B 12 1.73 5.37 8.96
N VAL B 13 0.61 5.03 9.58
CA VAL B 13 -0.64 5.72 9.28
C VAL B 13 -1.44 5.94 10.57
N SER B 14 -2.25 7.01 10.59
CA SER B 14 -3.26 7.22 11.64
C SER B 14 -4.65 7.11 11.06
N ALA B 15 -5.54 6.46 11.79
CA ALA B 15 -6.94 6.40 11.38
C ALA B 15 -7.85 6.32 12.60
N ALA B 16 -9.15 6.48 12.38
CA ALA B 16 -10.14 6.44 13.47
C ALA B 16 -10.79 5.05 13.63
N PRO B 17 -11.38 4.77 14.82
CA PRO B 17 -12.11 3.50 14.95
C PRO B 17 -13.18 3.35 13.87
N ARG B 18 -13.41 2.10 13.44
CA ARG B 18 -14.43 1.76 12.44
C ARG B 18 -14.15 2.30 11.03
N GLN B 19 -12.88 2.60 10.75
CA GLN B 19 -12.43 2.86 9.40
C GLN B 19 -11.66 1.66 8.85
N ARG B 20 -11.47 1.63 7.53
CA ARG B 20 -10.60 0.62 6.92
C ARG B 20 -9.22 1.20 6.65
N VAL B 21 -8.18 0.42 6.95
CA VAL B 21 -6.82 0.77 6.53
C VAL B 21 -6.17 -0.43 5.82
N THR B 22 -5.43 -0.15 4.76
CA THR B 22 -4.65 -1.17 4.09
C THR B 22 -3.15 -0.82 4.12
N ILE B 23 -2.34 -1.83 4.48
CA ILE B 23 -0.88 -1.71 4.43
C ILE B 23 -0.43 -2.53 3.23
N SER B 24 0.32 -1.90 2.33
CA SER B 24 0.79 -2.61 1.14
C SER B 24 2.27 -2.87 1.25
N VAL B 25 2.75 -3.89 0.54
CA VAL B 25 4.15 -4.21 0.54
C VAL B 25 4.55 -4.63 -0.86
N SER B 26 5.74 -4.21 -1.28
CA SER B 26 6.30 -4.53 -2.60
C SER B 26 7.65 -5.24 -2.49
N GLY B 27 7.84 -6.23 -3.35
CA GLY B 27 9.09 -6.98 -3.43
C GLY B 27 9.45 -7.27 -4.88
N SER B 28 10.05 -8.45 -5.11
CA SER B 28 10.55 -8.85 -6.42
C SER B 28 10.06 -10.27 -6.70
N ASN B 29 10.28 -10.74 -7.93
CA ASN B 29 9.90 -12.10 -8.36
C ASN B 29 10.43 -13.23 -7.48
N SER B 30 11.66 -13.09 -6.99
CA SER B 30 12.29 -14.13 -6.15
C SER B 30 11.74 -14.22 -4.73
N ASN B 31 11.11 -13.15 -4.24
CA ASN B 31 10.45 -13.23 -2.93
C ASN B 31 8.92 -13.31 -3.04
N ILE B 32 8.22 -12.18 -2.94
CA ILE B 32 6.75 -12.18 -3.01
C ILE B 32 6.19 -12.80 -4.32
N GLY B 33 6.88 -12.60 -5.44
CA GLY B 33 6.50 -13.17 -6.73
C GLY B 33 6.49 -14.69 -6.74
N SER B 34 7.25 -15.33 -5.84
CA SER B 34 7.38 -16.79 -5.82
C SER B 34 6.95 -17.48 -4.52
N ASN B 35 6.63 -16.69 -3.49
CA ASN B 35 6.45 -17.22 -2.13
C ASN B 35 5.30 -16.54 -1.41
N THR B 36 4.65 -17.26 -0.49
CA THR B 36 3.54 -16.73 0.30
C THR B 36 4.06 -15.77 1.38
N VAL B 37 3.20 -14.86 1.83
CA VAL B 37 3.56 -13.79 2.75
C VAL B 37 2.95 -14.01 4.14
N ASN B 38 3.74 -13.77 5.18
CA ASN B 38 3.26 -13.72 6.54
C ASN B 38 3.23 -12.27 7.04
N TRP B 39 2.33 -12.00 8.00
CA TRP B 39 2.23 -10.69 8.61
C TRP B 39 2.42 -10.89 10.09
N ILE B 40 3.26 -10.02 10.66
CA ILE B 40 3.61 -10.07 12.09
C ILE B 40 3.09 -8.79 12.72
N GLN B 41 2.39 -8.91 13.84
CA GLN B 41 1.90 -7.77 14.58
C GLN B 41 2.70 -7.66 15.89
N GLN B 42 3.12 -6.46 16.23
CA GLN B 42 3.77 -6.24 17.52
C GLN B 42 3.04 -5.13 18.26
N LEU B 43 2.28 -5.52 19.29
CA LEU B 43 1.53 -4.59 20.12
C LEU B 43 2.51 -3.79 20.99
N PRO B 44 2.09 -2.60 21.49
CA PRO B 44 3.00 -1.80 22.31
C PRO B 44 3.45 -2.53 23.58
N GLY B 45 4.77 -2.54 23.81
CA GLY B 45 5.39 -3.22 24.97
C GLY B 45 5.33 -4.74 24.95
N ARG B 46 4.93 -5.33 23.82
CA ARG B 46 4.80 -6.79 23.72
C ARG B 46 5.80 -7.35 22.70
N ALA B 47 6.01 -8.66 22.73
CA ALA B 47 6.79 -9.33 21.68
C ALA B 47 5.97 -9.39 20.37
N PRO B 48 6.66 -9.43 19.21
CA PRO B 48 5.89 -9.61 17.96
C PRO B 48 5.24 -10.99 17.94
N GLU B 49 4.09 -11.11 17.29
CA GLU B 49 3.39 -12.40 17.15
C GLU B 49 2.91 -12.60 15.71
N LEU B 50 2.80 -13.84 15.27
CA LEU B 50 2.25 -14.11 13.94
C LEU B 50 0.79 -13.66 13.90
N LEU B 51 0.41 -12.91 12.86
CA LEU B 51 -0.97 -12.42 12.72
C LEU B 51 -1.71 -13.15 11.57
N MET B 52 -1.07 -13.20 10.41
CA MET B 52 -1.61 -13.86 9.22
C MET B 52 -0.47 -14.62 8.56
N TYR B 53 -0.78 -15.70 7.86
CA TYR B 53 0.24 -16.50 7.16
C TYR B 53 -0.31 -17.12 5.88
N ASP B 54 0.59 -17.57 5.00
CA ASP B 54 0.18 -18.16 3.72
C ASP B 54 -0.73 -17.19 2.94
N ASP B 55 -0.39 -15.90 3.02
CA ASP B 55 -1.10 -14.83 2.31
C ASP B 55 -2.33 -14.33 3.04
N ASP B 56 -3.24 -15.25 3.39
CA ASP B 56 -4.59 -14.89 3.78
C ASP B 56 -5.24 -15.70 4.91
N LEU B 57 -4.45 -16.52 5.61
CA LEU B 57 -4.96 -17.30 6.75
C LEU B 57 -4.69 -16.58 8.05
N LEU B 58 -5.73 -16.52 8.91
CA LEU B 58 -5.61 -15.91 10.23
C LEU B 58 -4.94 -16.87 11.22
N ALA B 59 -3.94 -16.36 11.97
CA ALA B 59 -3.37 -17.08 13.13
C ALA B 59 -4.45 -17.27 14.19
N PRO B 60 -4.31 -18.28 15.08
CA PRO B 60 -5.32 -18.55 16.09
C PRO B 60 -5.62 -17.32 16.93
N GLY B 61 -6.90 -17.08 17.19
CA GLY B 61 -7.29 -15.95 18.04
C GLY B 61 -7.43 -14.60 17.31
N VAL B 62 -7.10 -14.56 16.02
CA VAL B 62 -7.10 -13.27 15.28
C VAL B 62 -8.45 -12.95 14.64
N SER B 63 -8.96 -11.76 14.92
CA SER B 63 -10.25 -11.29 14.39
C SER B 63 -10.32 -11.36 12.87
N ASP B 64 -11.47 -11.76 12.33
CA ASP B 64 -11.68 -11.71 10.89
C ASP B 64 -11.86 -10.28 10.33
N ARG B 65 -11.68 -9.27 11.20
CA ARG B 65 -11.53 -7.87 10.70
C ARG B 65 -10.25 -7.73 9.86
N PHE B 66 -9.31 -8.68 10.04
CA PHE B 66 -8.05 -8.71 9.28
C PHE B 66 -8.15 -9.61 8.05
N SER B 67 -7.66 -9.12 6.92
CA SER B 67 -7.58 -9.94 5.72
C SER B 67 -6.28 -9.66 4.99
N GLY B 68 -5.82 -10.63 4.24
CA GLY B 68 -4.58 -10.48 3.49
C GLY B 68 -4.75 -10.94 2.06
N SER B 69 -3.91 -10.40 1.17
CA SER B 69 -3.86 -10.86 -0.23
C SER B 69 -2.43 -10.76 -0.79
N ARG B 70 -2.20 -11.46 -1.89
CA ARG B 70 -0.93 -11.38 -2.63
C ARG B 70 -1.23 -11.40 -4.12
N SER B 71 -0.58 -10.55 -4.89
CA SER B 71 -0.63 -10.72 -6.35
C SER B 71 0.61 -10.13 -7.02
N GLY B 72 1.17 -10.91 -7.95
CA GLY B 72 2.44 -10.54 -8.56
C GLY B 72 3.47 -10.34 -7.47
N THR B 73 4.13 -9.19 -7.48
CA THR B 73 5.23 -8.95 -6.56
C THR B 73 4.77 -8.10 -5.36
N SER B 74 3.45 -7.96 -5.18
CA SER B 74 2.98 -7.29 -3.98
C SER B 74 1.94 -8.01 -3.14
N ALA B 75 1.77 -7.52 -1.92
CA ALA B 75 0.86 -8.10 -0.97
C ALA B 75 0.27 -6.98 -0.11
N SER B 76 -0.79 -7.29 0.63
CA SER B 76 -1.42 -6.29 1.48
C SER B 76 -2.11 -6.91 2.68
N LEU B 77 -2.19 -6.15 3.76
CA LEU B 77 -2.94 -6.53 4.93
C LEU B 77 -4.00 -5.44 5.12
N THR B 78 -5.25 -5.85 5.29
CA THR B 78 -6.35 -4.89 5.43
C THR B 78 -7.04 -5.07 6.77
N ILE B 79 -7.26 -3.96 7.48
CA ILE B 79 -8.03 -4.01 8.73
C ILE B 79 -9.37 -3.34 8.46
N SER B 80 -10.42 -4.15 8.44
CA SER B 80 -11.77 -3.64 8.08
C SER B 80 -12.60 -3.33 9.34
N GLY B 81 -12.44 -2.12 9.87
CA GLY B 81 -13.16 -1.73 11.08
C GLY B 81 -12.18 -1.67 12.23
N LEU B 82 -11.27 -0.73 12.14
CA LEU B 82 -10.22 -0.52 13.12
C LEU B 82 -10.77 -0.43 14.54
N GLN B 83 -10.07 -1.09 15.48
CA GLN B 83 -10.36 -1.01 16.92
C GLN B 83 -9.13 -0.47 17.65
N SER B 84 -9.31 0.16 18.81
CA SER B 84 -8.15 0.72 19.51
C SER B 84 -7.07 -0.32 19.81
N GLU B 85 -7.46 -1.59 20.04
CA GLU B 85 -6.47 -2.66 20.27
C GLU B 85 -5.61 -3.08 19.04
N ASP B 86 -5.91 -2.50 17.87
CA ASP B 86 -5.15 -2.77 16.63
C ASP B 86 -3.95 -1.83 16.48
N GLU B 87 -3.82 -0.87 17.38
CA GLU B 87 -2.65 0.01 17.39
C GLU B 87 -1.42 -0.86 17.64
N ALA B 88 -0.49 -0.84 16.68
CA ALA B 88 0.64 -1.75 16.65
C ALA B 88 1.52 -1.49 15.45
N ASP B 89 2.69 -2.14 15.45
CA ASP B 89 3.57 -2.19 14.27
C ASP B 89 3.31 -3.49 13.54
N TYR B 90 3.29 -3.43 12.22
CA TYR B 90 2.99 -4.58 11.36
C TYR B 90 4.14 -4.77 10.38
N TYR B 91 4.57 -6.02 10.25
CA TYR B 91 5.71 -6.37 9.42
C TYR B 91 5.31 -7.48 8.47
N ALA B 92 5.65 -7.33 7.19
CA ALA B 92 5.57 -8.44 6.22
C ALA B 92 6.87 -9.25 6.17
N ALA B 93 6.72 -10.55 5.87
CA ALA B 93 7.85 -11.46 5.78
C ALA B 93 7.55 -12.51 4.74
N THR B 94 8.57 -12.87 3.95
CA THR B 94 8.44 -13.91 2.94
C THR B 94 9.81 -14.58 2.68
N TRP B 95 9.79 -15.75 2.06
CA TRP B 95 11.02 -16.42 1.68
C TRP B 95 11.56 -15.82 0.40
N ASP B 96 12.87 -15.61 0.32
CA ASP B 96 13.48 -15.12 -0.92
C ASP B 96 14.38 -16.21 -1.54
N ASP B 97 14.04 -16.64 -2.75
CA ASP B 97 14.76 -17.74 -3.43
C ASP B 97 16.20 -17.43 -3.81
N SER B 98 16.52 -16.15 -4.09
CA SER B 98 17.88 -15.79 -4.49
C SER B 98 18.81 -15.48 -3.30
N LEU B 99 18.23 -15.31 -2.13
CA LEU B 99 18.98 -15.10 -0.90
C LEU B 99 19.01 -16.41 -0.11
N ASN B 100 18.15 -17.34 -0.52
CA ASN B 100 17.92 -18.60 0.18
C ASN B 100 17.66 -18.37 1.68
N GLY B 101 16.80 -17.40 1.97
CA GLY B 101 16.52 -17.00 3.35
C GLY B 101 15.30 -16.09 3.44
N TRP B 102 14.91 -15.75 4.67
CA TRP B 102 13.76 -14.88 4.93
C TRP B 102 14.09 -13.41 4.73
N VAL B 103 13.15 -12.67 4.12
CA VAL B 103 13.24 -11.20 4.05
C VAL B 103 12.03 -10.53 4.71
N PHE B 104 12.22 -9.31 5.21
CA PHE B 104 11.19 -8.61 5.96
C PHE B 104 10.98 -7.19 5.41
N GLY B 105 9.78 -6.66 5.65
CA GLY B 105 9.51 -5.22 5.46
C GLY B 105 10.07 -4.39 6.61
N GLY B 106 10.09 -3.07 6.46
CA GLY B 106 10.67 -2.18 7.48
C GLY B 106 9.68 -1.90 8.60
N GLY B 107 8.44 -2.36 8.46
CA GLY B 107 7.41 -2.09 9.48
C GLY B 107 6.51 -0.89 9.20
N THR B 108 5.26 -1.00 9.61
CA THR B 108 4.25 0.06 9.46
C THR B 108 3.48 0.19 10.77
N LYS B 109 3.50 1.36 11.40
CA LYS B 109 2.71 1.57 12.61
C LYS B 109 1.32 2.07 12.27
N VAL B 110 0.29 1.42 12.82
CA VAL B 110 -1.06 1.95 12.75
C VAL B 110 -1.40 2.60 14.09
N THR B 111 -1.72 3.89 14.02
CA THR B 111 -2.17 4.63 15.18
C THR B 111 -3.68 4.80 15.11
N VAL B 112 -4.37 4.45 16.18
CA VAL B 112 -5.81 4.56 16.22
C VAL B 112 -6.20 5.81 17.03
N LEU B 113 -6.71 6.83 16.34
CA LEU B 113 -7.11 8.11 16.96
C LEU B 113 -8.36 7.93 17.86
N SER B 114 -8.67 8.93 18.67
CA SER B 114 -9.92 8.90 19.45
C SER B 114 -10.32 10.28 19.96
C TRS C . -2.15 -5.65 -3.36
C1 TRS C . -3.31 -4.87 -2.69
C2 TRS C . -2.53 -6.00 -4.78
C3 TRS C . -1.75 -6.94 -2.62
N TRS C . -0.98 -4.77 -3.39
O1 TRS C . -2.87 -3.55 -2.30
O2 TRS C . -3.11 -4.84 -5.28
O3 TRS C . -2.42 -8.14 -3.01
N1 IMD D . -7.96 14.86 -8.03
C2 IMD D . -7.79 16.21 -8.12
N3 IMD D . -6.73 16.45 -8.95
C4 IMD D . -6.22 15.26 -9.37
C5 IMD D . -6.99 14.25 -8.79
#